data_4DZ3
#
_entry.id   4DZ3
#
_cell.length_a   48.980
_cell.length_b   106.580
_cell.length_c   107.160
_cell.angle_alpha   90.000
_cell.angle_beta   90.000
_cell.angle_gamma   90.000
#
_symmetry.space_group_name_H-M   'C 2 2 21'
#
loop_
_entity.id
_entity.type
_entity.pdbx_description
1 polymer 'Peptidyl-prolyl cis-trans isomerase'
2 non-polymer 8-DEETHYL-8-[BUT-3-ENYL]-ASCOMYCIN
3 non-polymer 'CALCIUM ION'
4 non-polymer 1,2-ETHANEDIOL
5 non-polymer 'ACETATE ION'
6 water water
#
_entity_poly.entity_id   1
_entity_poly.type   'polypeptide(L)'
_entity_poly.pdbx_seq_one_letter_code
;STVVTTESGLKYEDLTEGSGAEARAGQTVSVHYTGWLTDGQKFDSSKDRNDPFAFVLGGGHVIKGWDEGVQGMKVGGVRR
LTIPPQLGYGARGAGGVIPPNATLVFEVELLDV
;
_entity_poly.pdbx_strand_id   A,B
#
loop_
_chem_comp.id
_chem_comp.type
_chem_comp.name
_chem_comp.formula
ACT non-polymer 'ACETATE ION' 'C2 H3 O2 -1'
CA non-polymer 'CALCIUM ION' 'Ca 2'
EDO non-polymer 1,2-ETHANEDIOL 'C2 H6 O2'
FK5 non-polymer 8-DEETHYL-8-[BUT-3-ENYL]-ASCOMYCIN 'C44 H69 N O12'
#
# COMPACT_ATOMS: atom_id res chain seq x y z
N SER A 1 12.14 14.26 -21.82
CA SER A 1 10.79 14.41 -21.23
C SER A 1 10.39 15.89 -21.20
N THR A 2 9.09 16.15 -21.11
CA THR A 2 8.57 17.50 -21.15
C THR A 2 8.14 17.90 -19.74
N VAL A 3 8.00 19.20 -19.52
CA VAL A 3 7.49 19.72 -18.26
C VAL A 3 6.10 20.27 -18.51
N VAL A 4 5.14 19.90 -17.67
CA VAL A 4 3.76 20.40 -17.80
C VAL A 4 3.48 21.33 -16.64
N THR A 5 2.93 22.50 -16.95
CA THR A 5 2.51 23.45 -15.92
C THR A 5 1.00 23.53 -15.95
N THR A 6 0.36 23.16 -14.85
CA THR A 6 -1.10 23.08 -14.79
C THR A 6 -1.71 24.43 -14.44
N GLU A 7 -3.04 24.50 -14.52
CA GLU A 7 -3.79 25.69 -14.16
C GLU A 7 -3.50 26.13 -12.69
N SER A 8 -3.23 25.18 -11.82
CA SER A 8 -2.92 25.49 -10.39
C SER A 8 -1.52 26.09 -10.14
N GLY A 9 -0.63 26.06 -11.14
CA GLY A 9 0.76 26.45 -10.95
C GLY A 9 1.70 25.26 -10.68
N LEU A 10 1.15 24.04 -10.50
CA LEU A 10 1.95 22.82 -10.34
C LEU A 10 2.75 22.55 -11.60
N LYS A 11 3.99 22.10 -11.44
CA LYS A 11 4.80 21.62 -12.57
C LYS A 11 5.12 20.17 -12.33
N TYR A 12 5.00 19.36 -13.36
CA TYR A 12 5.42 17.95 -13.26
C TYR A 12 6.14 17.52 -14.51
N GLU A 13 7.02 16.54 -14.33
CA GLU A 13 7.82 15.99 -15.40
C GLU A 13 8.02 14.52 -15.14
N ASP A 14 7.67 13.71 -16.12
CA ASP A 14 7.87 12.28 -16.05
C ASP A 14 9.31 11.94 -16.41
N LEU A 15 10.13 11.72 -15.39
CA LEU A 15 11.55 11.29 -15.58
C LEU A 15 11.62 9.90 -16.19
N THR A 16 10.69 9.02 -15.76
CA THR A 16 10.47 7.71 -16.40
C THR A 16 8.97 7.45 -16.48
N GLU A 17 8.49 7.00 -17.64
CA GLU A 17 7.07 6.65 -17.83
C GLU A 17 6.87 5.23 -17.33
N GLY A 18 5.83 4.98 -16.52
CA GLY A 18 5.58 3.62 -16.00
C GLY A 18 4.98 2.70 -17.05
N SER A 19 5.15 1.38 -16.89
CA SER A 19 4.56 0.39 -17.82
C SER A 19 3.30 -0.30 -17.26
N GLY A 20 2.99 -0.09 -15.98
CA GLY A 20 1.85 -0.72 -15.32
C GLY A 20 0.60 0.17 -15.28
N ALA A 21 -0.32 -0.18 -14.38
CA ALA A 21 -1.65 0.46 -14.28
C ALA A 21 -1.57 1.96 -13.95
N GLU A 22 -2.52 2.75 -14.48
CA GLU A 22 -2.54 4.21 -14.30
C GLU A 22 -3.14 4.61 -12.95
N ALA A 23 -2.50 5.57 -12.26
CA ALA A 23 -3.01 6.10 -10.99
C ALA A 23 -4.19 7.05 -11.24
N ARG A 24 -5.35 6.72 -10.65
CA ARG A 24 -6.58 7.52 -10.78
C ARG A 24 -7.09 7.91 -9.39
N ALA A 25 -7.67 9.12 -9.27
CA ALA A 25 -8.30 9.56 -8.01
C ALA A 25 -9.25 8.46 -7.53
N GLY A 26 -9.21 8.15 -6.23
CA GLY A 26 -10.03 7.03 -5.68
C GLY A 26 -9.18 5.84 -5.25
N GLN A 27 -8.11 5.55 -6.00
CA GLN A 27 -7.27 4.42 -5.70
C GLN A 27 -6.40 4.70 -4.47
N THR A 28 -6.07 3.64 -3.75
CA THR A 28 -5.08 3.73 -2.68
C THR A 28 -3.77 3.40 -3.36
N VAL A 29 -2.84 4.36 -3.40
CA VAL A 29 -1.55 4.17 -4.10
C VAL A 29 -0.39 4.05 -3.11
N SER A 30 0.69 3.40 -3.54
CA SER A 30 1.89 3.22 -2.74
C SER A 30 3.05 3.82 -3.52
N VAL A 31 3.83 4.67 -2.86
CA VAL A 31 4.94 5.32 -3.49
C VAL A 31 6.16 5.33 -2.61
N HIS A 32 7.30 5.53 -3.26
CA HIS A 32 8.51 6.00 -2.63
C HIS A 32 8.67 7.43 -3.09
N TYR A 33 9.19 8.27 -2.21
CA TYR A 33 9.42 9.67 -2.55
C TYR A 33 10.65 10.20 -1.90
N THR A 34 11.17 11.27 -2.50
CA THR A 34 12.19 12.10 -1.92
C THR A 34 11.74 13.53 -2.11
N GLY A 35 11.92 14.35 -1.06
CA GLY A 35 11.53 15.76 -1.04
C GLY A 35 12.75 16.65 -0.79
N TRP A 36 12.85 17.74 -1.57
CA TRP A 36 13.91 18.74 -1.46
C TRP A 36 13.38 20.15 -1.48
N LEU A 37 14.09 21.06 -0.81
CA LEU A 37 13.91 22.49 -0.99
C LEU A 37 14.59 22.92 -2.31
N THR A 38 14.26 24.11 -2.80
CA THR A 38 14.81 24.60 -4.11
C THR A 38 16.34 24.83 -4.11
N ASP A 39 16.96 24.90 -2.92
CA ASP A 39 18.42 24.96 -2.78
C ASP A 39 19.08 23.54 -2.73
N GLY A 40 18.32 22.47 -3.03
CA GLY A 40 18.84 21.11 -3.00
C GLY A 40 18.98 20.43 -1.63
N GLN A 41 18.53 21.10 -0.54
CA GLN A 41 18.56 20.45 0.78
C GLN A 41 17.45 19.42 0.81
N LYS A 42 17.82 18.16 1.04
CA LYS A 42 16.85 17.09 1.16
C LYS A 42 16.18 17.22 2.52
N PHE A 43 14.84 17.24 2.57
CA PHE A 43 14.11 17.29 3.88
C PHE A 43 13.52 15.93 4.31
N ASP A 44 13.25 15.05 3.35
CA ASP A 44 12.71 13.73 3.67
C ASP A 44 12.85 12.74 2.51
N SER A 45 12.92 11.45 2.86
CA SER A 45 12.82 10.38 1.89
C SER A 45 12.27 9.12 2.54
N SER A 46 11.26 8.54 1.90
CA SER A 46 10.68 7.25 2.35
C SER A 46 11.69 6.09 2.18
N LYS A 47 12.61 6.21 1.20
CA LYS A 47 13.66 5.22 0.95
C LYS A 47 14.61 5.12 2.16
N ASP A 48 14.93 6.26 2.79
CA ASP A 48 15.78 6.31 4.02
C ASP A 48 15.18 5.56 5.20
N ARG A 49 13.84 5.61 5.32
CA ARG A 49 13.09 4.89 6.37
CA ARG A 49 13.10 4.87 6.38
C ARG A 49 12.73 3.45 5.95
N ASN A 50 13.05 3.07 4.70
CA ASN A 50 12.70 1.77 4.13
C ASN A 50 11.19 1.51 4.30
N ASP A 51 10.39 2.55 4.03
CA ASP A 51 8.98 2.51 4.33
C ASP A 51 8.15 3.20 3.24
N PRO A 52 7.61 2.41 2.28
CA PRO A 52 6.74 2.98 1.26
C PRO A 52 5.55 3.74 1.87
N PHE A 53 5.10 4.77 1.15
CA PHE A 53 4.06 5.66 1.64
C PHE A 53 2.79 5.39 0.87
N ALA A 54 1.73 5.01 1.60
CA ALA A 54 0.43 4.71 1.02
C ALA A 54 -0.52 5.86 1.30
N PHE A 55 -1.33 6.24 0.31
CA PHE A 55 -2.36 7.28 0.51
C PHE A 55 -3.47 7.13 -0.52
N VAL A 56 -4.65 7.68 -0.20
CA VAL A 56 -5.80 7.64 -1.12
C VAL A 56 -5.65 8.83 -2.05
N LEU A 57 -5.44 8.56 -3.33
CA LEU A 57 -5.24 9.62 -4.30
C LEU A 57 -6.50 10.45 -4.44
N GLY A 58 -6.37 11.75 -4.21
CA GLY A 58 -7.50 12.65 -4.19
C GLY A 58 -8.29 12.65 -2.87
N GLY A 59 -7.72 12.05 -1.82
CA GLY A 59 -8.38 11.97 -0.52
C GLY A 59 -8.19 13.15 0.40
N GLY A 60 -7.43 14.17 0.00
CA GLY A 60 -7.21 15.35 0.83
C GLY A 60 -6.41 15.12 2.11
N HIS A 61 -5.54 14.13 2.11
CA HIS A 61 -4.65 13.88 3.26
C HIS A 61 -3.20 14.11 2.97
N VAL A 62 -2.94 14.70 1.81
CA VAL A 62 -1.63 15.12 1.40
C VAL A 62 -1.75 16.54 0.88
N ILE A 63 -0.63 17.22 0.78
CA ILE A 63 -0.61 18.58 0.21
C ILE A 63 -1.22 18.56 -1.23
N LYS A 64 -1.84 19.67 -1.61
CA LYS A 64 -2.61 19.74 -2.85
C LYS A 64 -1.79 19.32 -4.09
N GLY A 65 -0.51 19.72 -4.12
CA GLY A 65 0.41 19.35 -5.21
C GLY A 65 0.53 17.85 -5.45
N TRP A 66 0.47 17.06 -4.37
CA TRP A 66 0.48 15.58 -4.48
C TRP A 66 -0.80 14.98 -4.99
N ASP A 67 -1.91 15.39 -4.42
CA ASP A 67 -3.22 14.90 -4.84
C ASP A 67 -3.48 15.12 -6.34
N GLU A 68 -3.03 16.29 -6.85
CA GLU A 68 -3.12 16.62 -8.25
C GLU A 68 -2.04 15.90 -9.03
N GLY A 69 -0.78 16.04 -8.55
CA GLY A 69 0.43 15.63 -9.31
C GLY A 69 0.64 14.14 -9.59
N VAL A 70 0.15 13.29 -8.67
CA VAL A 70 0.34 11.83 -8.81
C VAL A 70 -0.68 11.21 -9.76
N GLN A 71 -1.81 11.89 -9.98
CA GLN A 71 -2.80 11.42 -10.95
C GLN A 71 -2.17 11.31 -12.33
N GLY A 72 -2.39 10.17 -13.01
CA GLY A 72 -1.86 9.97 -14.39
C GLY A 72 -0.55 9.23 -14.45
N MET A 73 0.18 9.15 -13.32
CA MET A 73 1.36 8.25 -13.23
C MET A 73 0.97 6.81 -13.52
N LYS A 74 1.94 6.03 -14.05
CA LYS A 74 1.76 4.61 -14.26
C LYS A 74 2.72 3.90 -13.33
N VAL A 75 2.32 2.72 -12.87
CA VAL A 75 3.14 1.93 -11.95
C VAL A 75 4.53 1.70 -12.57
N GLY A 76 5.58 1.91 -11.77
CA GLY A 76 6.96 1.86 -12.23
C GLY A 76 7.50 3.23 -12.68
N GLY A 77 6.63 4.23 -12.78
CA GLY A 77 7.04 5.55 -13.24
C GLY A 77 7.66 6.40 -12.14
N VAL A 78 8.51 7.34 -12.56
CA VAL A 78 9.11 8.31 -11.64
C VAL A 78 8.77 9.70 -12.19
N ARG A 79 8.09 10.48 -11.36
CA ARG A 79 7.62 11.78 -11.70
C ARG A 79 8.19 12.80 -10.72
N ARG A 80 8.72 13.89 -11.27
CA ARG A 80 9.20 15.02 -10.47
CA ARG A 80 9.21 15.03 -10.49
C ARG A 80 8.11 16.10 -10.41
N LEU A 81 7.74 16.50 -9.18
CA LEU A 81 6.77 17.52 -8.93
C LEU A 81 7.47 18.77 -8.40
N THR A 82 7.17 19.93 -8.98
CA THR A 82 7.64 21.23 -8.43
C THR A 82 6.38 21.90 -7.97
N ILE A 83 6.27 22.04 -6.67
CA ILE A 83 5.04 22.45 -6.01
C ILE A 83 5.20 23.86 -5.42
N PRO A 84 4.45 24.85 -5.96
CA PRO A 84 4.52 26.18 -5.35
C PRO A 84 3.88 26.13 -3.95
N PRO A 85 4.22 27.10 -3.08
CA PRO A 85 3.79 27.02 -1.69
C PRO A 85 2.28 26.93 -1.46
N GLN A 86 1.47 27.54 -2.35
CA GLN A 86 0.00 27.49 -2.19
C GLN A 86 -0.57 26.05 -2.42
N LEU A 87 0.22 25.15 -3.01
CA LEU A 87 -0.14 23.75 -3.16
C LEU A 87 0.71 22.86 -2.24
N GLY A 88 1.47 23.50 -1.32
CA GLY A 88 2.35 22.84 -0.35
C GLY A 88 1.94 23.26 1.06
N TYR A 89 2.86 23.90 1.79
CA TYR A 89 2.64 24.32 3.21
C TYR A 89 2.39 25.81 3.38
N GLY A 90 2.23 26.53 2.26
CA GLY A 90 1.88 27.93 2.29
C GLY A 90 2.81 28.76 3.15
N ALA A 91 2.24 29.74 3.87
CA ALA A 91 3.02 30.67 4.72
C ALA A 91 3.44 30.08 6.06
N ARG A 92 2.81 28.99 6.50
CA ARG A 92 3.14 28.35 7.77
C ARG A 92 4.41 27.49 7.66
N GLY A 93 4.60 26.83 6.51
CA GLY A 93 5.68 25.85 6.37
C GLY A 93 5.37 24.68 7.32
N ALA A 94 6.41 23.95 7.72
CA ALA A 94 6.24 22.82 8.62
C ALA A 94 7.44 22.74 9.54
N GLY A 95 7.25 23.24 10.77
CA GLY A 95 8.27 23.37 11.82
C GLY A 95 9.59 22.62 11.74
N GLY A 96 10.68 23.35 11.52
CA GLY A 96 12.03 22.79 11.51
C GLY A 96 12.40 21.89 10.34
N VAL A 97 11.56 21.85 9.29
CA VAL A 97 11.82 21.08 8.05
C VAL A 97 11.60 21.96 6.81
N ILE A 98 10.43 22.57 6.72
CA ILE A 98 10.06 23.38 5.56
C ILE A 98 9.78 24.83 5.99
N PRO A 99 10.53 25.81 5.41
CA PRO A 99 10.30 27.20 5.81
C PRO A 99 9.02 27.79 5.19
N PRO A 100 8.61 29.00 5.66
CA PRO A 100 7.47 29.72 5.07
C PRO A 100 7.64 29.94 3.56
N ASN A 101 6.54 29.89 2.82
CA ASN A 101 6.53 30.22 1.37
C ASN A 101 7.50 29.38 0.53
N ALA A 102 7.68 28.12 0.90
CA ALA A 102 8.64 27.22 0.26
C ALA A 102 8.07 26.55 -0.99
N THR A 103 8.80 26.66 -2.09
CA THR A 103 8.56 25.85 -3.26
C THR A 103 9.24 24.52 -2.95
N LEU A 104 8.55 23.42 -3.24
CA LEU A 104 9.03 22.06 -2.91
C LEU A 104 9.26 21.27 -4.15
N VAL A 105 10.30 20.45 -4.15
CA VAL A 105 10.55 19.54 -5.26
C VAL A 105 10.47 18.14 -4.70
N PHE A 106 9.61 17.33 -5.29
CA PHE A 106 9.55 15.92 -4.95
C PHE A 106 9.82 15.07 -6.16
N GLU A 107 10.49 13.92 -5.94
CA GLU A 107 10.53 12.84 -6.92
C GLU A 107 9.67 11.72 -6.33
N VAL A 108 8.73 11.23 -7.13
CA VAL A 108 7.77 10.23 -6.67
C VAL A 108 7.87 9.01 -7.57
N GLU A 109 8.12 7.83 -6.97
CA GLU A 109 8.12 6.57 -7.69
C GLU A 109 6.86 5.79 -7.35
N LEU A 110 6.01 5.52 -8.34
CA LEU A 110 4.75 4.79 -8.13
C LEU A 110 5.02 3.29 -8.07
N LEU A 111 4.77 2.70 -6.89
CA LEU A 111 5.05 1.30 -6.63
C LEU A 111 3.84 0.38 -6.90
N ASP A 112 2.63 0.87 -6.62
CA ASP A 112 1.39 0.08 -6.75
C ASP A 112 0.16 0.98 -6.69
N VAL A 113 -0.94 0.53 -7.30
CA VAL A 113 -2.24 1.18 -7.23
C VAL A 113 -3.30 0.14 -6.96
N SER B 1 8.58 -23.80 13.65
CA SER B 1 7.51 -22.78 13.79
C SER B 1 6.30 -23.43 14.45
N THR B 2 5.55 -22.66 15.20
CA THR B 2 4.42 -23.19 15.93
C THR B 2 3.13 -22.86 15.20
N VAL B 3 2.08 -23.60 15.54
CA VAL B 3 0.76 -23.30 15.05
C VAL B 3 -0.06 -22.76 16.22
N VAL B 4 -0.75 -21.66 16.01
CA VAL B 4 -1.61 -21.06 17.04
C VAL B 4 -3.05 -21.22 16.61
N THR B 5 -3.92 -21.71 17.52
CA THR B 5 -5.36 -21.79 17.28
C THR B 5 -5.99 -20.75 18.21
N THR B 6 -6.69 -19.78 17.64
CA THR B 6 -7.29 -18.72 18.43
C THR B 6 -8.69 -19.13 18.87
N GLU B 7 -9.28 -18.29 19.70
CA GLU B 7 -10.66 -18.47 20.23
C GLU B 7 -11.71 -18.60 19.12
N SER B 8 -11.51 -17.86 18.04
CA SER B 8 -12.41 -17.88 16.88
C SER B 8 -12.35 -19.18 16.07
N GLY B 9 -11.29 -19.98 16.26
CA GLY B 9 -11.08 -21.18 15.46
C GLY B 9 -10.04 -20.99 14.36
N LEU B 10 -9.57 -19.75 14.15
CA LEU B 10 -8.51 -19.48 13.19
C LEU B 10 -7.26 -20.21 13.61
N LYS B 11 -6.54 -20.74 12.64
CA LYS B 11 -5.16 -21.26 12.87
C LYS B 11 -4.17 -20.46 12.03
N TYR B 12 -3.01 -20.16 12.61
CA TYR B 12 -1.97 -19.48 11.85
C TYR B 12 -0.59 -19.98 12.24
N GLU B 13 0.34 -19.81 11.31
CA GLU B 13 1.69 -20.28 11.46
C GLU B 13 2.64 -19.35 10.73
N ASP B 14 3.60 -18.79 11.44
CA ASP B 14 4.63 -17.96 10.82
C ASP B 14 5.67 -18.86 10.16
N LEU B 15 5.63 -18.90 8.83
CA LEU B 15 6.60 -19.68 8.04
C LEU B 15 7.92 -18.97 8.02
N THR B 16 7.88 -17.65 7.92
CA THR B 16 9.04 -16.81 8.12
C THR B 16 8.61 -15.57 8.93
N GLU B 17 9.39 -15.26 9.97
CA GLU B 17 9.13 -14.08 10.80
C GLU B 17 9.70 -12.85 10.13
N GLY B 18 8.93 -11.78 10.09
CA GLY B 18 9.38 -10.54 9.44
C GLY B 18 10.31 -9.79 10.34
N SER B 19 11.21 -9.01 9.74
CA SER B 19 12.15 -8.19 10.47
C SER B 19 11.71 -6.71 10.56
N GLY B 20 10.67 -6.33 9.80
CA GLY B 20 10.18 -4.95 9.75
C GLY B 20 9.09 -4.63 10.76
N ALA B 21 8.37 -3.54 10.50
CA ALA B 21 7.31 -3.02 11.37
C ALA B 21 6.14 -4.00 11.55
N GLU B 22 5.51 -3.97 12.74
CA GLU B 22 4.39 -4.88 13.07
C GLU B 22 3.02 -4.38 12.56
N ALA B 23 2.24 -5.27 11.96
CA ALA B 23 0.91 -4.94 11.48
C ALA B 23 -0.07 -4.85 12.68
N ARG B 24 -0.74 -3.70 12.81
CA ARG B 24 -1.77 -3.49 13.85
C ARG B 24 -3.07 -3.08 13.20
N ALA B 25 -4.20 -3.48 13.80
CA ALA B 25 -5.53 -3.01 13.33
C ALA B 25 -5.52 -1.49 13.19
N GLY B 26 -6.12 -0.97 12.11
CA GLY B 26 -6.07 0.51 11.84
C GLY B 26 -5.14 0.86 10.67
N GLN B 27 -4.06 0.13 10.53
CA GLN B 27 -3.10 0.36 9.45
C GLN B 27 -3.59 -0.13 8.10
N THR B 28 -3.16 0.57 7.04
CA THR B 28 -3.42 0.12 5.69
C THR B 28 -2.21 -0.72 5.32
N VAL B 29 -2.42 -2.01 5.08
CA VAL B 29 -1.32 -2.92 4.82
C VAL B 29 -1.32 -3.35 3.36
N SER B 30 -0.16 -3.78 2.88
CA SER B 30 0.01 -4.29 1.50
C SER B 30 0.60 -5.69 1.59
N VAL B 31 -0.04 -6.64 0.89
CA VAL B 31 0.41 -8.02 0.92
C VAL B 31 0.43 -8.68 -0.47
N HIS B 32 1.18 -9.76 -0.59
CA HIS B 32 0.94 -10.73 -1.63
C HIS B 32 0.31 -11.91 -0.94
N TYR B 33 -0.58 -12.63 -1.65
CA TYR B 33 -1.21 -13.81 -1.09
C TYR B 33 -1.42 -14.90 -2.13
N THR B 34 -1.56 -16.11 -1.63
CA THR B 34 -2.01 -17.23 -2.41
C THR B 34 -3.08 -17.95 -1.59
N GLY B 35 -4.15 -18.40 -2.25
CA GLY B 35 -5.24 -19.12 -1.61
C GLY B 35 -5.42 -20.50 -2.23
N TRP B 36 -5.63 -21.51 -1.37
CA TRP B 36 -5.91 -22.87 -1.77
C TRP B 36 -7.09 -23.44 -1.04
N LEU B 37 -7.77 -24.37 -1.69
CA LEU B 37 -8.77 -25.19 -1.04
C LEU B 37 -8.02 -26.32 -0.32
N THR B 38 -8.71 -27.01 0.57
CA THR B 38 -8.10 -28.09 1.37
C THR B 38 -7.73 -29.33 0.55
N ASP B 39 -8.17 -29.41 -0.72
CA ASP B 39 -7.70 -30.50 -1.62
C ASP B 39 -6.38 -30.16 -2.32
N GLY B 40 -5.78 -29.00 -1.99
CA GLY B 40 -4.55 -28.56 -2.68
C GLY B 40 -4.78 -27.70 -3.94
N GLN B 41 -6.04 -27.53 -4.37
CA GLN B 41 -6.33 -26.68 -5.56
C GLN B 41 -6.10 -25.20 -5.23
N LYS B 42 -5.19 -24.55 -5.97
CA LYS B 42 -4.96 -23.10 -5.84
C LYS B 42 -6.14 -22.40 -6.51
N PHE B 43 -6.83 -21.50 -5.78
CA PHE B 43 -7.94 -20.71 -6.40
C PHE B 43 -7.55 -19.26 -6.76
N ASP B 44 -6.50 -18.70 -6.12
CA ASP B 44 -6.08 -17.32 -6.45
C ASP B 44 -4.68 -17.02 -5.94
N SER B 45 -4.02 -16.09 -6.63
CA SER B 45 -2.76 -15.53 -6.16
C SER B 45 -2.56 -14.14 -6.71
N SER B 46 -2.25 -13.18 -5.84
CA SER B 46 -1.96 -11.80 -6.28
C SER B 46 -0.66 -11.75 -7.11
N LYS B 47 0.27 -12.69 -6.87
CA LYS B 47 1.52 -12.77 -7.64
C LYS B 47 1.24 -13.09 -9.11
N ASP B 48 0.17 -13.84 -9.40
CA ASP B 48 -0.22 -14.14 -10.80
C ASP B 48 -0.62 -12.90 -11.58
N ARG B 49 -1.21 -11.91 -10.89
CA ARG B 49 -1.53 -10.60 -11.50
C ARG B 49 -0.41 -9.58 -11.31
N ASN B 50 0.66 -9.97 -10.61
CA ASN B 50 1.76 -9.05 -10.27
C ASN B 50 1.20 -7.74 -9.64
N ASP B 51 0.24 -7.91 -8.72
CA ASP B 51 -0.47 -6.79 -8.14
C ASP B 51 -0.68 -6.96 -6.64
N PRO B 52 0.17 -6.31 -5.81
CA PRO B 52 -0.02 -6.36 -4.36
C PRO B 52 -1.46 -5.94 -3.94
N PHE B 53 -2.00 -6.60 -2.93
CA PHE B 53 -3.33 -6.31 -2.44
C PHE B 53 -3.22 -5.45 -1.18
N ALA B 54 -3.92 -4.31 -1.18
CA ALA B 54 -3.96 -3.38 -0.05
C ALA B 54 -5.33 -3.41 0.62
N PHE B 55 -5.33 -3.36 1.95
CA PHE B 55 -6.55 -3.25 2.73
C PHE B 55 -6.29 -2.64 4.13
N VAL B 56 -7.38 -2.17 4.76
CA VAL B 56 -7.33 -1.60 6.10
C VAL B 56 -7.49 -2.78 7.06
N LEU B 57 -6.44 -3.04 7.82
CA LEU B 57 -6.44 -4.14 8.75
C LEU B 57 -7.46 -3.89 9.87
N GLY B 58 -8.39 -4.82 10.01
CA GLY B 58 -9.53 -4.70 10.93
C GLY B 58 -10.65 -3.84 10.33
N GLY B 59 -10.60 -3.59 9.03
CA GLY B 59 -11.60 -2.71 8.38
C GLY B 59 -12.93 -3.36 7.97
N GLY B 60 -13.04 -4.68 8.12
CA GLY B 60 -14.27 -5.39 7.76
C GLY B 60 -14.54 -5.48 6.25
N HIS B 61 -13.50 -5.32 5.46
CA HIS B 61 -13.60 -5.44 3.99
C HIS B 61 -12.90 -6.66 3.44
N VAL B 62 -12.41 -7.51 4.33
CA VAL B 62 -11.90 -8.84 3.98
C VAL B 62 -12.61 -9.82 4.88
N ILE B 63 -12.54 -11.10 4.52
CA ILE B 63 -13.12 -12.17 5.34
C ILE B 63 -12.53 -12.10 6.75
N LYS B 64 -13.31 -12.51 7.75
CA LYS B 64 -12.93 -12.38 9.16
C LYS B 64 -11.57 -13.01 9.47
N GLY B 65 -11.26 -14.14 8.84
CA GLY B 65 -9.98 -14.85 9.08
C GLY B 65 -8.77 -13.99 8.75
N TRP B 66 -8.91 -13.13 7.73
CA TRP B 66 -7.84 -12.22 7.33
C TRP B 66 -7.67 -11.04 8.27
N ASP B 67 -8.77 -10.39 8.61
CA ASP B 67 -8.75 -9.27 9.53
C ASP B 67 -8.14 -9.66 10.89
N GLU B 68 -8.47 -10.87 11.37
CA GLU B 68 -7.87 -11.40 12.59
C GLU B 68 -6.41 -11.85 12.32
N GLY B 69 -6.22 -12.69 11.29
CA GLY B 69 -4.95 -13.37 11.08
C GLY B 69 -3.73 -12.55 10.67
N VAL B 70 -3.94 -11.41 10.03
CA VAL B 70 -2.82 -10.60 9.55
C VAL B 70 -2.23 -9.75 10.68
N GLN B 71 -3.05 -9.47 11.71
CA GLN B 71 -2.58 -8.72 12.88
C GLN B 71 -1.40 -9.45 13.52
N GLY B 72 -0.35 -8.70 13.83
CA GLY B 72 0.82 -9.28 14.50
C GLY B 72 1.96 -9.68 13.56
N MET B 73 1.69 -9.80 12.26
CA MET B 73 2.76 -10.01 11.27
C MET B 73 3.75 -8.83 11.29
N LYS B 74 4.99 -9.11 10.92
CA LYS B 74 6.01 -8.08 10.73
C LYS B 74 6.31 -8.02 9.24
N VAL B 75 6.71 -6.83 8.76
CA VAL B 75 6.99 -6.65 7.33
C VAL B 75 8.14 -7.60 6.95
N GLY B 76 7.96 -8.28 5.82
CA GLY B 76 8.88 -9.32 5.38
C GLY B 76 8.37 -10.71 5.77
N GLY B 77 7.39 -10.79 6.68
CA GLY B 77 6.86 -12.04 7.15
C GLY B 77 5.98 -12.79 6.16
N VAL B 78 6.02 -14.12 6.25
CA VAL B 78 5.10 -14.99 5.53
C VAL B 78 4.39 -15.80 6.59
N ARG B 79 3.06 -15.65 6.61
CA ARG B 79 2.20 -16.33 7.56
C ARG B 79 1.19 -17.19 6.79
N ARG B 80 0.98 -18.40 7.28
CA ARG B 80 -0.02 -19.34 6.71
CA ARG B 80 0.00 -19.35 6.71
C ARG B 80 -1.26 -19.32 7.60
N LEU B 81 -2.45 -19.07 7.00
CA LEU B 81 -3.73 -19.03 7.69
C LEU B 81 -4.56 -20.22 7.25
N THR B 82 -5.17 -20.91 8.22
CA THR B 82 -6.17 -21.96 7.96
C THR B 82 -7.48 -21.38 8.55
N ILE B 83 -8.41 -21.09 7.65
CA ILE B 83 -9.61 -20.34 7.95
C ILE B 83 -10.83 -21.24 7.83
N PRO B 84 -11.52 -21.52 8.97
CA PRO B 84 -12.69 -22.36 8.94
C PRO B 84 -13.82 -21.54 8.27
N PRO B 85 -14.88 -22.21 7.76
CA PRO B 85 -15.88 -21.49 6.93
C PRO B 85 -16.60 -20.31 7.58
N GLN B 86 -16.82 -20.33 8.90
CA GLN B 86 -17.53 -19.22 9.57
C GLN B 86 -16.69 -17.90 9.58
N LEU B 87 -15.37 -18.02 9.33
CA LEU B 87 -14.47 -16.89 9.24
C LEU B 87 -14.04 -16.65 7.79
N GLY B 88 -14.71 -17.32 6.84
CA GLY B 88 -14.45 -17.19 5.40
C GLY B 88 -15.72 -16.86 4.71
N TYR B 89 -16.17 -17.75 3.83
CA TYR B 89 -17.38 -17.54 3.02
C TYR B 89 -18.60 -18.37 3.48
N GLY B 90 -18.46 -19.08 4.61
CA GLY B 90 -19.58 -19.78 5.27
C GLY B 90 -20.33 -20.72 4.38
N ALA B 91 -21.65 -20.78 4.58
CA ALA B 91 -22.49 -21.73 3.83
C ALA B 91 -22.69 -21.33 2.38
N ARG B 92 -22.53 -20.05 2.06
CA ARG B 92 -22.76 -19.55 0.70
C ARG B 92 -21.63 -19.87 -0.27
N GLY B 93 -20.39 -19.89 0.22
CA GLY B 93 -19.22 -20.02 -0.65
C GLY B 93 -19.00 -18.74 -1.47
N ALA B 94 -18.25 -18.87 -2.55
CA ALA B 94 -17.96 -17.75 -3.43
C ALA B 94 -18.06 -18.27 -4.85
N GLY B 95 -19.27 -18.12 -5.42
CA GLY B 95 -19.69 -18.59 -6.75
C GLY B 95 -18.62 -18.94 -7.76
N GLY B 96 -18.54 -20.22 -8.12
CA GLY B 96 -17.57 -20.70 -9.10
C GLY B 96 -16.11 -20.80 -8.66
N VAL B 97 -15.79 -20.48 -7.40
CA VAL B 97 -14.39 -20.54 -6.88
C VAL B 97 -14.29 -21.30 -5.55
N ILE B 98 -15.06 -20.86 -4.56
CA ILE B 98 -15.01 -21.45 -3.24
C ILE B 98 -16.34 -22.14 -2.95
N PRO B 99 -16.28 -23.47 -2.63
CA PRO B 99 -17.55 -24.15 -2.38
C PRO B 99 -18.17 -23.77 -1.04
N PRO B 100 -19.48 -24.07 -0.86
CA PRO B 100 -20.12 -23.95 0.42
C PRO B 100 -19.30 -24.64 1.51
N ASN B 101 -19.26 -24.04 2.69
CA ASN B 101 -18.69 -24.67 3.92
C ASN B 101 -17.22 -25.05 3.86
N ALA B 102 -16.44 -24.28 3.10
CA ALA B 102 -15.03 -24.59 2.86
C ALA B 102 -14.07 -24.01 3.91
N THR B 103 -13.09 -24.83 4.31
CA THR B 103 -11.92 -24.35 5.01
C THR B 103 -10.96 -23.86 3.92
N LEU B 104 -10.31 -22.73 4.16
CA LEU B 104 -9.42 -22.10 3.20
C LEU B 104 -8.03 -22.01 3.79
N VAL B 105 -7.03 -22.19 2.95
CA VAL B 105 -5.65 -21.99 3.35
C VAL B 105 -5.09 -20.85 2.52
N PHE B 106 -4.55 -19.85 3.21
CA PHE B 106 -3.84 -18.75 2.58
C PHE B 106 -2.42 -18.69 3.09
N GLU B 107 -1.51 -18.31 2.18
CA GLU B 107 -0.19 -17.85 2.57
C GLU B 107 -0.19 -16.35 2.29
N VAL B 108 0.22 -15.55 3.29
CA VAL B 108 0.21 -14.09 3.17
C VAL B 108 1.61 -13.58 3.42
N GLU B 109 2.10 -12.75 2.49
CA GLU B 109 3.41 -12.08 2.64
C GLU B 109 3.17 -10.61 2.87
N LEU B 110 3.60 -10.10 4.02
CA LEU B 110 3.41 -8.68 4.37
C LEU B 110 4.49 -7.80 3.72
N LEU B 111 4.06 -6.90 2.83
CA LEU B 111 4.99 -6.03 2.05
C LEU B 111 5.23 -4.71 2.70
N ASP B 112 4.19 -4.17 3.38
CA ASP B 112 4.27 -2.85 3.98
C ASP B 112 3.08 -2.63 4.93
N VAL B 113 3.27 -1.74 5.89
CA VAL B 113 2.23 -1.28 6.82
C VAL B 113 2.27 0.24 6.94
C1 FK5 C . 2.31 15.49 2.88
C2 FK5 C . 3.55 15.37 2.03
C3 FK5 C . 3.25 14.54 0.79
C4 FK5 C . 3.16 13.06 1.05
C5 FK5 C . 4.47 12.61 1.66
C6 FK5 C . 4.66 13.32 2.98
C8 FK5 C . 5.80 15.63 3.00
C9 FK5 C . 7.01 15.12 3.67
C10 FK5 C . 7.16 15.10 5.18
C11 FK5 C . 6.48 16.25 5.95
C12 FK5 C . 6.39 15.93 7.47
C13 FK5 C . 5.72 14.56 7.69
C14 FK5 C . 6.53 13.51 6.90
C15 FK5 C . 6.05 12.03 6.94
C16 FK5 C . 4.55 11.86 6.57
C17 FK5 C . 4.09 10.38 6.36
C18 FK5 C . 3.79 9.62 7.67
C19 FK5 C . 2.46 10.05 8.21
C20 FK5 C . 2.40 11.05 9.10
C21 FK5 C . 1.11 11.57 9.69
C22 FK5 C . 0.78 12.85 8.94
C23 FK5 C . -0.26 12.76 7.85
C24 FK5 C . -0.20 13.93 6.86
C25 FK5 C . 1.03 13.92 5.92
C26 FK5 C . 1.14 15.18 5.02
C27 FK5 C . 1.18 16.42 5.82
C28 FK5 C . 0.16 17.33 5.64
C29 FK5 C . 0.04 18.63 6.38
C30 FK5 C . -0.47 19.73 5.45
C31 FK5 C . -0.87 21.02 6.19
C32 FK5 C . -1.75 20.79 7.41
C33 FK5 C . -1.29 19.62 8.30
C34 FK5 C . -0.91 18.37 7.54
C35 FK5 C . 7.20 17.56 5.65
C36 FK5 C . 5.11 9.56 5.53
C37 FK5 C . 1.25 9.32 7.69
C38 FK5 C . 1.28 11.78 11.18
C39 FK5 C . 0.19 12.70 11.67
C40 FK5 C . -1.00 12.28 11.98
C41 FK5 C . 1.02 12.71 5.01
C42 FK5 C . 2.33 16.62 6.80
C43 FK5 C . 4.66 14.90 9.84
C44 FK5 C . 7.72 11.05 8.37
C45 FK5 C . -0.81 22.50 4.25
N7 FK5 C . 4.77 14.78 2.71
O1 FK5 C . 2.35 15.08 4.27
O2 FK5 C . 1.30 15.93 2.36
O3 FK5 C . 5.80 16.82 2.70
O4 FK5 C . 7.93 14.73 2.95
O5 FK5 C . 6.52 13.88 5.54
O6 FK5 C . 8.55 15.09 5.51
O7 FK5 C . 5.64 14.18 9.08
O8 FK5 C . 6.34 11.48 8.22
O9 FK5 C . 1.32 13.91 9.22
O10 FK5 C . -1.39 13.87 6.07
O11 FK5 C . -1.60 21.89 5.29
O12 FK5 C . -1.71 21.95 8.23
CA CA D . -2.43 -3.16 -5.92
C1 EDO E . -7.40 1.14 1.94
O1 EDO E . -7.07 2.50 1.66
C2 EDO E . -6.89 0.24 0.83
O2 EDO E . -7.98 -0.13 0.00
C1 EDO F . 5.36 15.09 -18.11
O1 EDO F . 6.69 14.80 -18.56
C2 EDO F . 4.35 15.14 -19.26
O2 EDO F . 4.53 14.06 -20.16
C1 EDO G . 12.07 21.32 -20.70
O1 EDO G . 12.98 21.86 -21.68
C2 EDO G . 12.77 20.24 -19.88
O2 EDO G . 12.49 18.96 -20.46
C ACT H . 12.57 8.04 -5.24
O ACT H . 12.80 9.01 -4.47
OXT ACT H . 12.00 8.20 -6.31
CH3 ACT H . 13.02 6.65 -4.87
C1 FK5 I . -11.34 -11.48 0.67
C2 FK5 I . -10.23 -12.52 0.60
C3 FK5 I . -9.05 -12.05 1.45
C4 FK5 I . -8.30 -10.87 0.84
C5 FK5 I . -7.78 -11.32 -0.50
C6 FK5 I . -8.94 -11.69 -1.41
C8 FK5 I . -10.10 -13.98 -1.40
C9 FK5 I . -9.60 -14.29 -2.73
C10 FK5 I . -10.39 -13.98 -3.98
C11 FK5 I . -11.94 -14.07 -3.84
C12 FK5 I . -12.68 -13.36 -4.99
C13 FK5 I . -12.12 -11.97 -5.25
C14 FK5 I . -10.60 -12.07 -5.46
C15 FK5 I . -9.81 -10.76 -5.67
C16 FK5 I . -10.18 -9.67 -4.64
C17 FK5 I . -9.23 -8.45 -4.58
C18 FK5 I . -9.63 -7.32 -5.57
C19 FK5 I . -10.77 -6.56 -4.98
C20 FK5 I . -12.04 -6.85 -5.39
C21 FK5 I . -13.29 -6.19 -4.88
C22 FK5 I . -13.86 -7.06 -3.77
C23 FK5 I . -13.67 -6.58 -2.34
C24 FK5 I . -13.79 -7.66 -1.30
C25 FK5 I . -12.67 -8.75 -1.34
C26 FK5 I . -12.91 -9.91 -0.37
C27 FK5 I . -14.24 -10.55 -0.60
C28 FK5 I . -15.15 -10.51 0.41
C29 FK5 I . -16.54 -11.08 0.31
C30 FK5 I . -16.99 -11.69 1.65
C31 FK5 I . -18.47 -12.11 1.61
C32 FK5 I . -19.39 -11.00 1.14
C33 FK5 I . -18.91 -10.37 -0.17
C34 FK5 I . -17.46 -9.91 -0.07
C35 FK5 I . -12.40 -15.53 -3.72
C36 FK5 I . -7.76 -8.83 -4.80
C37 FK5 I . -10.45 -5.48 -3.96
C38 FK5 I . -14.28 -6.04 -6.04
C39 FK5 I . -15.66 -5.69 -5.54
C40 FK5 I . -16.10 -4.45 -5.51
C41 FK5 I . -11.31 -8.16 -1.05
C42 FK5 I . -14.51 -11.17 -1.94
C43 FK5 I . -13.98 -10.67 -6.13
C44 FK5 I . -9.01 -10.77 -7.90
C45 FK5 I . -18.48 -13.84 3.26
N7 FK5 I . -9.76 -12.79 -0.80
O1 FK5 I . -11.87 -10.91 -0.55
O2 FK5 I . -11.77 -11.14 1.74
O3 FK5 I . -10.82 -14.84 -0.88
O4 FK5 I . -8.48 -14.81 -2.82
O5 FK5 I . -10.02 -12.63 -4.29
O6 FK5 I . -10.00 -14.85 -5.03
O7 FK5 I . -12.75 -11.40 -6.40
O8 FK5 I . -10.03 -10.31 -6.99
O9 FK5 I . -14.45 -8.11 -4.00
O10 FK5 I . -13.75 -6.98 -0.04
O11 FK5 I . -18.90 -12.51 2.93
O12 FK5 I . -20.67 -11.58 0.96
CA CA J . 4.29 2.17 4.75
C1 EDO K . -3.78 4.94 3.47
O1 EDO K . -4.00 5.91 4.50
C2 EDO K . -5.08 4.79 2.70
O2 EDO K . -5.94 3.82 3.34
C1 EDO L . 2.98 -18.58 15.01
O1 EDO L . 3.85 -19.39 14.21
C2 EDO L . 3.64 -18.31 16.35
O2 EDO L . 4.27 -17.02 16.33
C1 EDO M . 4.87 -1.36 -2.08
O1 EDO M . 4.50 -1.60 -0.71
C2 EDO M . 3.76 -1.84 -3.00
O2 EDO M . 3.32 -3.11 -2.55
C ACT N . 2.59 -15.82 -1.29
O ACT N . 2.64 -14.70 -1.83
OXT ACT N . 2.09 -16.81 -1.87
CH3 ACT N . 3.15 -15.97 0.07
C ACT O . -9.92 -32.32 0.91
O ACT O . -10.29 -33.00 -0.08
OXT ACT O . -10.49 -31.24 1.20
CH3 ACT O . -8.77 -32.82 1.73
C ACT P . -19.46 -15.69 7.07
O ACT P . -20.03 -16.79 7.26
OXT ACT P . -19.07 -15.38 5.94
CH3 ACT P . -19.24 -14.76 8.22
C ACT Q . -5.91 -27.53 18.49
O ACT Q . -5.09 -28.28 17.90
OXT ACT Q . -6.25 -26.44 17.99
CH3 ACT Q . -6.50 -27.96 19.81
#